data_8X09
#
_entry.id   8X09
#
_cell.length_a   54.530
_cell.length_b   67.258
_cell.length_c   88.247
_cell.angle_alpha   90.00
_cell.angle_beta   90.00
_cell.angle_gamma   90.00
#
_symmetry.space_group_name_H-M   'P 21 21 21'
#
loop_
_entity.id
_entity.type
_entity.pdbx_description
1 polymer Glucanase
2 branched 'beta-D-glucopyranose-(1-4)-beta-D-glucopyranose-(1-4)-4-thio-beta-D-glucopyranose-(1-4)-methyl beta-D-glucopyranoside'
3 non-polymer DI(HYDROXYETHYL)ETHER
4 non-polymer 'TRIETHYLENE GLYCOL'
5 water water
#
_entity_poly.entity_id   1
_entity_poly.type   'polypeptide(L)'
_entity_poly.pdbx_seq_one_letter_code
;SANNPWTGFQIFLSPYYANEVAAAAKQITDPTLSSKAASVANIPTFTWLDSVAKIPDLGTYLASASALGKSTGTKQLVQI
VIYDLPDRDCAAKASNGEFSIANNGQANYENYIDQIVAQIQQFPDVRVVAVIEPDSLANLVTNLNVQKCANAKTTYLASV
NYALTNLAKVGVYMYMDAGHAGWLGWPANLSPAAQLFTQVWQNAGKSPFIKGLATNVANYNALQAASPDPITQGNPNYDE
IHYINALAPLLQQAGWDATFIVDQGRSGVQNIRQQWGDWCNIKGAGFGTRPTTNTGSQFIDSIVWVKPGGESDGTSNSSS
PRYDSTCSLPDAAQPAPEAGTWFQAYFQTLVSAANPPL
;
_entity_poly.pdbx_strand_id   A
#
loop_
_chem_comp.id
_chem_comp.type
_chem_comp.name
_chem_comp.formula
BGC D-saccharide, beta linking beta-D-glucopyranose 'C6 H12 O6'
MGL D-saccharide 'methyl beta-D-glucopyranoside' 'C7 H14 O6'
PEG non-polymer DI(HYDROXYETHYL)ETHER 'C4 H10 O3'
PGE non-polymer 'TRIETHYLENE GLYCOL' 'C6 H14 O4'
SGC D-saccharide, beta linking 4-thio-beta-D-glucopyranose 'C6 H12 O5 S'
#
# COMPACT_ATOMS: atom_id res chain seq x y z
N SER A 1 -15.37 -4.00 12.73
CA SER A 1 -15.62 -4.52 14.08
C SER A 1 -15.77 -3.42 15.12
N ALA A 2 -15.56 -3.76 16.38
CA ALA A 2 -15.80 -2.80 17.46
C ALA A 2 -14.82 -1.65 17.42
N ASN A 3 -13.55 -1.91 17.11
CA ASN A 3 -12.50 -0.90 17.22
C ASN A 3 -11.96 -0.61 15.82
N ASN A 4 -12.43 0.47 15.23
CA ASN A 4 -11.92 0.93 13.94
C ASN A 4 -10.80 1.91 14.20
N PRO A 5 -9.58 1.66 13.73
CA PRO A 5 -8.45 2.52 14.15
C PRO A 5 -8.65 3.99 13.84
N TRP A 6 -9.47 4.31 12.84
CA TRP A 6 -9.62 5.70 12.40
C TRP A 6 -10.68 6.47 13.18
N THR A 7 -11.60 5.79 13.84
CA THR A 7 -12.70 6.50 14.49
C THR A 7 -12.18 7.39 15.60
N GLY A 8 -12.60 8.66 15.60
CA GLY A 8 -12.20 9.55 16.68
C GLY A 8 -10.83 10.17 16.52
N PHE A 9 -10.19 9.97 15.37
CA PHE A 9 -8.86 10.49 15.12
C PHE A 9 -8.87 11.40 13.90
N GLN A 10 -7.98 12.39 13.91
N GLN A 10 -7.96 12.37 13.90
CA GLN A 10 -7.67 13.17 12.73
CA GLN A 10 -7.68 13.19 12.73
C GLN A 10 -6.43 12.57 12.08
C GLN A 10 -6.40 12.67 12.07
N ILE A 11 -6.45 12.43 10.77
CA ILE A 11 -5.29 11.88 10.07
C ILE A 11 -4.30 12.99 9.79
N PHE A 12 -3.05 12.77 10.19
CA PHE A 12 -1.97 13.67 9.85
C PHE A 12 -1.72 13.65 8.34
N LEU A 13 -1.72 14.83 7.73
CA LEU A 13 -1.51 14.96 6.30
C LEU A 13 -0.02 14.96 5.97
N SER A 14 0.37 14.15 4.99
CA SER A 14 1.79 14.07 4.63
C SER A 14 2.33 15.42 4.16
N PRO A 15 3.35 15.97 4.82
CA PRO A 15 3.93 17.23 4.31
C PRO A 15 4.66 17.05 3.01
N TYR A 16 5.21 15.85 2.78
CA TYR A 16 5.94 15.59 1.54
C TYR A 16 5.00 15.58 0.35
N TYR A 17 3.91 14.81 0.44
CA TYR A 17 2.90 14.84 -0.61
C TYR A 17 2.32 16.23 -0.76
N ALA A 18 2.10 16.94 0.36
CA ALA A 18 1.60 18.30 0.28
C ALA A 18 2.56 19.20 -0.51
N ASN A 19 3.87 19.07 -0.27
CA ASN A 19 4.85 19.85 -1.02
C ASN A 19 4.80 19.50 -2.51
N GLU A 20 4.77 18.21 -2.82
CA GLU A 20 4.68 17.79 -4.21
C GLU A 20 3.45 18.34 -4.90
N VAL A 21 2.31 18.29 -4.21
CA VAL A 21 1.04 18.69 -4.83
C VAL A 21 0.98 20.20 -5.06
N ALA A 22 1.45 20.99 -4.08
CA ALA A 22 1.44 22.44 -4.28
C ALA A 22 2.35 22.84 -5.44
N ALA A 23 3.53 22.23 -5.51
CA ALA A 23 4.43 22.48 -6.63
C ALA A 23 3.79 22.04 -7.95
N ALA A 24 3.10 20.90 -7.93
CA ALA A 24 2.42 20.41 -9.12
C ALA A 24 1.28 21.34 -9.55
N ALA A 25 0.47 21.82 -8.60
CA ALA A 25 -0.66 22.65 -8.98
C ALA A 25 -0.20 23.96 -9.60
N LYS A 26 0.98 24.44 -9.20
CA LYS A 26 1.53 25.66 -9.77
C LYS A 26 1.82 25.49 -11.25
N GLN A 27 2.21 24.28 -11.67
CA GLN A 27 2.56 23.98 -13.05
C GLN A 27 1.35 23.65 -13.92
N ILE A 28 0.17 23.48 -13.34
CA ILE A 28 -1.05 23.20 -14.10
C ILE A 28 -1.62 24.52 -14.58
N THR A 29 -1.71 24.68 -15.91
CA THR A 29 -1.96 25.99 -16.48
C THR A 29 -3.41 26.42 -16.28
N ASP A 30 -4.36 25.50 -16.44
CA ASP A 30 -5.76 25.87 -16.25
C ASP A 30 -6.01 26.22 -14.79
N PRO A 31 -6.55 27.42 -14.51
CA PRO A 31 -6.71 27.82 -13.09
C PRO A 31 -7.66 26.93 -12.32
N THR A 32 -8.77 26.52 -12.92
CA THR A 32 -9.76 25.72 -12.21
C THR A 32 -9.22 24.33 -11.89
N LEU A 33 -8.61 23.67 -12.88
CA LEU A 33 -8.00 22.39 -12.61
C LEU A 33 -6.85 22.54 -11.62
N SER A 34 -6.20 23.70 -11.64
CA SER A 34 -5.09 23.95 -10.73
C SER A 34 -5.55 23.95 -9.28
N SER A 35 -6.71 24.55 -9.02
CA SER A 35 -7.20 24.61 -7.64
C SER A 35 -7.73 23.26 -7.19
N LYS A 36 -8.39 22.52 -8.10
CA LYS A 36 -8.70 21.12 -7.86
C LYS A 36 -7.45 20.36 -7.45
N ALA A 37 -6.36 20.57 -8.20
CA ALA A 37 -5.12 19.87 -7.92
C ALA A 37 -4.58 20.25 -6.55
N ALA A 38 -4.56 21.53 -6.22
CA ALA A 38 -4.01 21.95 -4.94
C ALA A 38 -4.78 21.33 -3.78
N SER A 39 -6.10 21.12 -3.93
CA SER A 39 -6.89 20.56 -2.84
C SER A 39 -6.50 19.13 -2.51
N VAL A 40 -5.79 18.46 -3.42
CA VAL A 40 -5.32 17.09 -3.18
C VAL A 40 -4.38 17.02 -1.98
N ALA A 41 -3.70 18.12 -1.66
CA ALA A 41 -2.83 18.14 -0.49
C ALA A 41 -3.58 17.96 0.82
N ASN A 42 -4.91 18.11 0.81
CA ASN A 42 -5.73 17.94 1.99
C ASN A 42 -6.30 16.53 2.12
N ILE A 43 -5.94 15.64 1.21
CA ILE A 43 -6.44 14.27 1.19
C ILE A 43 -5.37 13.37 1.81
N PRO A 44 -5.67 12.64 2.86
CA PRO A 44 -4.64 11.87 3.56
C PRO A 44 -4.14 10.70 2.73
N THR A 45 -2.82 10.53 2.77
CA THR A 45 -2.11 9.47 2.07
C THR A 45 -1.21 8.75 3.05
N PHE A 46 -0.68 7.61 2.62
CA PHE A 46 0.29 6.87 3.41
C PHE A 46 1.70 7.32 3.06
N THR A 47 2.56 7.40 4.08
CA THR A 47 3.98 7.69 3.91
C THR A 47 4.77 6.39 3.81
N TRP A 48 5.52 6.22 2.72
CA TRP A 48 6.22 4.96 2.49
C TRP A 48 7.61 4.99 3.12
N LEU A 49 7.84 4.07 4.05
CA LEU A 49 9.19 3.90 4.61
C LEU A 49 9.89 2.84 3.78
N ASP A 50 10.23 3.23 2.55
CA ASP A 50 10.81 2.29 1.61
C ASP A 50 12.31 2.13 1.78
N SER A 51 12.92 2.89 2.70
CA SER A 51 14.35 2.76 2.95
C SER A 51 14.60 3.28 4.36
N VAL A 52 15.76 2.91 4.92
CA VAL A 52 16.13 3.44 6.23
C VAL A 52 16.28 4.94 6.19
N ALA A 53 16.62 5.50 5.01
CA ALA A 53 16.75 6.95 4.86
C ALA A 53 15.45 7.68 5.16
N LYS A 54 14.31 7.01 5.11
CA LYS A 54 13.03 7.63 5.41
C LYS A 54 12.68 7.64 6.89
N ILE A 55 13.44 6.91 7.74
CA ILE A 55 13.05 6.79 9.14
C ILE A 55 13.10 8.13 9.86
N PRO A 56 14.11 9.00 9.65
CA PRO A 56 14.05 10.32 10.32
C PRO A 56 12.82 11.12 9.95
N ASP A 57 12.32 10.98 8.72
CA ASP A 57 11.07 11.65 8.35
C ASP A 57 9.89 11.14 9.17
N LEU A 58 9.83 9.82 9.41
CA LEU A 58 8.81 9.28 10.32
C LEU A 58 8.86 9.97 11.67
N GLY A 59 10.07 10.16 12.20
CA GLY A 59 10.23 10.85 13.47
C GLY A 59 9.63 12.24 13.43
N THR A 60 9.91 13.01 12.37
CA THR A 60 9.36 14.35 12.33
C THR A 60 7.83 14.32 12.19
N TYR A 61 7.30 13.35 11.44
CA TYR A 61 5.85 13.31 11.27
C TYR A 61 5.15 12.99 12.58
N LEU A 62 5.71 12.07 13.37
CA LEU A 62 5.13 11.73 14.67
C LEU A 62 5.15 12.95 15.59
N ALA A 63 6.29 13.64 15.65
CA ALA A 63 6.41 14.81 16.53
C ALA A 63 5.50 15.93 16.06
N SER A 64 5.38 16.13 14.74
CA SER A 64 4.48 17.16 14.23
C SER A 64 3.03 16.83 14.53
N ALA A 65 2.65 15.57 14.34
CA ALA A 65 1.29 15.14 14.65
C ALA A 65 0.96 15.35 16.13
N SER A 66 1.91 15.01 17.01
CA SER A 66 1.71 15.19 18.44
C SER A 66 1.41 16.64 18.78
N ALA A 67 2.20 17.55 18.23
CA ALA A 67 1.99 18.97 18.51
C ALA A 67 0.70 19.48 17.87
N LEU A 68 0.37 19.00 16.67
CA LEU A 68 -0.89 19.41 16.05
C LEU A 68 -2.08 18.97 16.88
N GLY A 69 -2.06 17.75 17.41
CA GLY A 69 -3.15 17.30 18.25
C GLY A 69 -3.33 18.16 19.48
N LYS A 70 -2.23 18.50 20.15
CA LYS A 70 -2.31 19.39 21.30
C LYS A 70 -2.82 20.78 20.89
N SER A 71 -2.39 21.27 19.73
CA SER A 71 -2.82 22.60 19.30
C SER A 71 -4.30 22.66 19.00
N THR A 72 -4.89 21.56 18.52
CA THR A 72 -6.25 21.59 18.00
C THR A 72 -7.23 20.78 18.82
N GLY A 73 -6.80 20.19 19.93
CA GLY A 73 -7.67 19.39 20.76
C GLY A 73 -8.06 18.05 20.18
N THR A 74 -7.24 17.50 19.29
CA THR A 74 -7.56 16.26 18.59
C THR A 74 -6.53 15.17 18.89
N LYS A 75 -6.93 13.92 18.60
N LYS A 75 -6.91 13.94 18.55
CA LYS A 75 -6.02 12.79 18.58
CA LYS A 75 -6.03 12.79 18.58
C LYS A 75 -5.58 12.59 17.14
C LYS A 75 -5.58 12.52 17.14
N GLN A 76 -4.27 12.49 16.92
CA GLN A 76 -3.73 12.39 15.57
C GLN A 76 -3.27 10.99 15.22
N LEU A 77 -3.37 10.66 13.93
CA LEU A 77 -3.05 9.33 13.41
C LEU A 77 -2.11 9.50 12.22
N VAL A 78 -0.99 8.78 12.25
CA VAL A 78 0.00 8.82 11.19
C VAL A 78 -0.05 7.49 10.43
N GLN A 79 -0.09 7.58 9.10
CA GLN A 79 -0.25 6.42 8.20
C GLN A 79 1.08 6.11 7.52
N ILE A 80 1.59 4.88 7.69
CA ILE A 80 2.90 4.52 7.15
C ILE A 80 2.82 3.19 6.41
N VAL A 81 3.76 3.01 5.48
CA VAL A 81 3.95 1.74 4.79
C VAL A 81 5.32 1.20 5.17
N ILE A 82 5.34 -0.02 5.69
CA ILE A 82 6.57 -0.74 5.96
C ILE A 82 6.94 -1.47 4.68
N TYR A 83 8.07 -1.09 4.04
CA TYR A 83 8.35 -1.57 2.67
C TYR A 83 9.85 -1.63 2.42
N ASP A 84 10.55 -2.56 3.10
CA ASP A 84 12.00 -2.65 2.92
C ASP A 84 12.52 -4.07 3.06
N LEU A 85 11.74 -5.09 2.68
CA LEU A 85 12.21 -6.47 2.82
C LEU A 85 13.50 -6.72 2.05
N PRO A 86 14.37 -7.58 2.55
CA PRO A 86 15.49 -8.05 1.74
C PRO A 86 14.97 -8.80 0.52
N ASP A 87 15.66 -8.65 -0.60
CA ASP A 87 15.23 -9.21 -1.88
C ASP A 87 13.76 -8.86 -2.15
N ARG A 88 13.46 -7.58 -1.92
CA ARG A 88 12.12 -7.04 -2.09
C ARG A 88 11.59 -7.29 -3.51
N ASP A 89 10.26 -7.44 -3.61
CA ASP A 89 9.58 -7.60 -4.89
C ASP A 89 10.14 -8.77 -5.69
N CYS A 90 10.13 -9.95 -5.06
N CYS A 90 10.14 -9.95 -5.07
CA CYS A 90 10.92 -11.08 -5.57
CA CYS A 90 10.94 -11.05 -5.61
C CYS A 90 10.48 -11.53 -6.96
C CYS A 90 10.51 -11.44 -7.02
N ALA A 91 9.24 -11.27 -7.37
CA ALA A 91 8.76 -11.74 -8.67
C ALA A 91 8.90 -10.69 -9.76
N ALA A 92 9.41 -9.51 -9.43
CA ALA A 92 9.49 -8.42 -10.38
C ALA A 92 10.78 -8.49 -11.18
N LYS A 93 10.77 -7.79 -12.31
CA LYS A 93 11.94 -7.74 -13.18
C LYS A 93 13.05 -6.86 -12.58
N ALA A 94 12.67 -5.88 -11.77
CA ALA A 94 13.61 -5.00 -11.10
C ALA A 94 13.05 -4.67 -9.73
N SER A 95 13.94 -4.40 -8.78
CA SER A 95 13.51 -3.89 -7.48
C SER A 95 14.40 -2.75 -7.04
N ASN A 96 13.82 -1.83 -6.30
CA ASN A 96 14.57 -0.72 -5.71
C ASN A 96 14.89 -0.96 -4.24
N GLY A 97 14.62 -2.16 -3.73
CA GLY A 97 14.91 -2.43 -2.33
C GLY A 97 16.41 -2.45 -2.06
N GLU A 98 16.80 -1.79 -0.96
CA GLU A 98 18.21 -1.63 -0.66
C GLU A 98 18.85 -2.86 -0.03
N PHE A 99 18.06 -3.79 0.53
CA PHE A 99 18.63 -4.90 1.27
C PHE A 99 18.60 -6.19 0.45
N SER A 100 19.63 -7.01 0.61
CA SER A 100 19.69 -8.31 -0.04
C SER A 100 19.84 -9.39 1.01
N ILE A 101 19.24 -10.55 0.73
CA ILE A 101 19.41 -11.70 1.59
C ILE A 101 20.87 -12.06 1.70
N ALA A 102 21.60 -11.97 0.60
CA ALA A 102 23.01 -12.35 0.58
C ALA A 102 23.89 -11.46 1.44
N ASN A 103 23.48 -10.22 1.72
N ASN A 103 23.48 -10.22 1.72
CA ASN A 103 24.28 -9.28 2.53
CA ASN A 103 24.28 -9.29 2.52
C ASN A 103 23.50 -8.97 3.81
C ASN A 103 23.54 -8.97 3.82
N ASN A 104 23.45 -9.97 4.71
CA ASN A 104 22.88 -9.77 6.05
C ASN A 104 21.48 -9.16 6.01
N GLY A 105 20.68 -9.56 5.03
CA GLY A 105 19.41 -8.87 4.80
C GLY A 105 18.49 -8.92 6.00
N GLN A 106 18.32 -10.11 6.59
N GLN A 106 18.35 -10.09 6.62
CA GLN A 106 17.47 -10.25 7.77
CA GLN A 106 17.44 -10.21 7.74
C GLN A 106 17.91 -9.31 8.88
C GLN A 106 17.90 -9.37 8.93
N ALA A 107 19.19 -9.36 9.24
CA ALA A 107 19.67 -8.52 10.35
C ALA A 107 19.50 -7.05 10.01
N ASN A 108 19.73 -6.69 8.75
CA ASN A 108 19.57 -5.31 8.33
C ASN A 108 18.11 -4.88 8.45
N TYR A 109 17.20 -5.76 8.05
CA TYR A 109 15.78 -5.46 8.13
C TYR A 109 15.33 -5.31 9.59
N GLU A 110 15.81 -6.20 10.46
N GLU A 110 15.84 -6.16 10.47
CA GLU A 110 15.50 -6.07 11.88
CA GLU A 110 15.45 -6.07 11.87
C GLU A 110 15.93 -4.72 12.41
C GLU A 110 15.99 -4.80 12.51
N ASN A 111 17.12 -4.28 12.02
CA ASN A 111 17.58 -2.96 12.47
C ASN A 111 16.69 -1.85 11.93
N TYR A 112 16.24 -2.00 10.68
CA TYR A 112 15.27 -1.04 10.13
C TYR A 112 13.98 -0.99 10.98
N ILE A 113 13.45 -2.16 11.35
CA ILE A 113 12.26 -2.19 12.22
C ILE A 113 12.58 -1.59 13.59
N ASP A 114 13.76 -1.94 14.14
CA ASP A 114 14.14 -1.43 15.46
C ASP A 114 14.16 0.10 15.48
N GLN A 115 14.69 0.72 14.41
CA GLN A 115 14.76 2.18 14.36
C GLN A 115 13.37 2.79 14.26
N ILE A 116 12.48 2.12 13.51
CA ILE A 116 11.10 2.59 13.41
C ILE A 116 10.40 2.45 14.76
N VAL A 117 10.60 1.32 15.45
CA VAL A 117 10.01 1.14 16.76
C VAL A 117 10.54 2.18 17.75
N ALA A 118 11.85 2.48 17.67
CA ALA A 118 12.42 3.48 18.57
C ALA A 118 11.81 4.86 18.36
N GLN A 119 11.48 5.20 17.11
CA GLN A 119 10.80 6.47 16.86
C GLN A 119 9.38 6.46 17.44
N ILE A 120 8.59 5.43 17.09
CA ILE A 120 7.19 5.36 17.51
C ILE A 120 7.07 5.37 19.04
N GLN A 121 7.97 4.66 19.72
CA GLN A 121 8.01 4.60 21.18
C GLN A 121 7.96 5.97 21.86
N GLN A 122 8.53 6.99 21.21
CA GLN A 122 8.69 8.31 21.81
C GLN A 122 7.44 9.17 21.75
N PHE A 123 6.42 8.76 21.01
CA PHE A 123 5.22 9.58 20.79
C PHE A 123 3.99 8.75 21.06
N PRO A 124 3.79 8.33 22.32
CA PRO A 124 2.65 7.45 22.63
C PRO A 124 1.29 8.13 22.47
N ASP A 125 1.23 9.46 22.35
CA ASP A 125 -0.04 10.14 22.12
C ASP A 125 -0.47 10.13 20.66
N VAL A 126 0.35 9.60 19.76
CA VAL A 126 0.03 9.56 18.33
C VAL A 126 -0.28 8.12 17.96
N ARG A 127 -1.39 7.90 17.26
CA ARG A 127 -1.72 6.57 16.79
C ARG A 127 -1.03 6.35 15.45
N VAL A 128 -0.59 5.11 15.21
CA VAL A 128 0.06 4.77 13.95
C VAL A 128 -0.69 3.62 13.31
N VAL A 129 -0.96 3.74 12.01
CA VAL A 129 -1.48 2.63 11.22
C VAL A 129 -0.45 2.29 10.17
N ALA A 130 -0.09 1.02 10.07
CA ALA A 130 0.94 0.58 9.14
C ALA A 130 0.40 -0.47 8.19
N VAL A 131 0.66 -0.27 6.89
CA VAL A 131 0.55 -1.34 5.92
C VAL A 131 1.85 -2.12 5.92
N ILE A 132 1.77 -3.43 6.07
CA ILE A 132 2.96 -4.26 6.21
C ILE A 132 3.31 -4.89 4.86
N GLU A 133 4.41 -4.40 4.26
CA GLU A 133 5.13 -4.98 3.12
C GLU A 133 4.27 -5.35 1.91
N PRO A 134 3.84 -4.35 1.16
CA PRO A 134 3.25 -4.58 -0.17
C PRO A 134 4.16 -5.46 -1.02
N ASP A 135 3.52 -6.27 -1.88
CA ASP A 135 4.25 -7.09 -2.86
C ASP A 135 5.22 -8.06 -2.17
N SER A 136 4.78 -8.69 -1.08
CA SER A 136 5.63 -9.63 -0.37
C SER A 136 4.93 -10.97 -0.18
N LEU A 137 4.10 -11.10 0.86
CA LEU A 137 3.46 -12.38 1.17
C LEU A 137 2.60 -12.88 0.02
N ALA A 138 1.99 -11.99 -0.75
CA ALA A 138 1.18 -12.46 -1.88
C ALA A 138 2.02 -13.25 -2.88
N ASN A 139 3.31 -12.92 -3.02
CA ASN A 139 4.19 -13.73 -3.87
C ASN A 139 4.36 -15.14 -3.32
N LEU A 140 4.26 -15.32 -2.00
CA LEU A 140 4.44 -16.66 -1.44
C LEU A 140 3.20 -17.51 -1.62
N VAL A 141 2.09 -16.91 -2.05
CA VAL A 141 0.91 -17.68 -2.39
C VAL A 141 0.99 -18.19 -3.82
N THR A 142 1.31 -17.31 -4.79
CA THR A 142 1.18 -17.67 -6.19
C THR A 142 2.51 -17.77 -6.96
N ASN A 143 3.62 -17.28 -6.40
CA ASN A 143 4.81 -17.10 -7.21
C ASN A 143 5.99 -17.87 -6.66
N LEU A 144 5.74 -19.00 -6.00
CA LEU A 144 6.84 -19.80 -5.46
C LEU A 144 7.64 -20.50 -6.56
N ASN A 145 7.11 -20.59 -7.77
N ASN A 145 7.08 -20.58 -7.77
CA ASN A 145 7.90 -21.09 -8.89
CA ASN A 145 7.88 -21.07 -8.89
C ASN A 145 8.92 -20.07 -9.38
C ASN A 145 8.99 -20.10 -9.27
N VAL A 146 8.81 -18.82 -8.97
CA VAL A 146 9.84 -17.82 -9.22
C VAL A 146 11.00 -18.08 -8.26
N GLN A 147 12.17 -18.39 -8.81
CA GLN A 147 13.28 -18.84 -7.96
C GLN A 147 13.67 -17.78 -6.94
N LYS A 148 13.66 -16.50 -7.34
CA LYS A 148 13.97 -15.45 -6.38
C LYS A 148 12.97 -15.46 -5.21
N CYS A 149 11.70 -15.77 -5.50
N CYS A 149 11.70 -15.76 -5.51
CA CYS A 149 10.69 -15.85 -4.45
CA CYS A 149 10.70 -15.84 -4.45
C CYS A 149 10.88 -17.10 -3.60
C CYS A 149 10.89 -17.09 -3.60
N ALA A 150 11.12 -18.25 -4.23
CA ALA A 150 11.36 -19.47 -3.48
C ALA A 150 12.53 -19.30 -2.51
N ASN A 151 13.61 -18.69 -2.97
CA ASN A 151 14.79 -18.48 -2.15
C ASN A 151 14.57 -17.41 -1.10
N ALA A 152 13.60 -16.51 -1.31
CA ALA A 152 13.28 -15.46 -0.36
C ALA A 152 12.22 -15.85 0.65
N LYS A 153 11.56 -16.99 0.47
CA LYS A 153 10.36 -17.31 1.27
C LYS A 153 10.65 -17.25 2.77
N THR A 154 11.69 -17.96 3.24
CA THR A 154 11.93 -17.98 4.68
C THR A 154 12.27 -16.58 5.20
N THR A 155 12.97 -15.76 4.39
CA THR A 155 13.33 -14.41 4.82
C THR A 155 12.10 -13.51 4.88
N TYR A 156 11.24 -13.59 3.87
CA TYR A 156 10.01 -12.80 3.91
C TYR A 156 9.20 -13.13 5.15
N LEU A 157 9.01 -14.41 5.43
CA LEU A 157 8.23 -14.83 6.59
C LEU A 157 8.88 -14.37 7.89
N ALA A 158 10.19 -14.53 8.01
CA ALA A 158 10.87 -14.14 9.25
C ALA A 158 10.85 -12.63 9.43
N SER A 159 11.08 -11.89 8.35
CA SER A 159 11.15 -10.44 8.47
C SER A 159 9.78 -9.83 8.72
N VAL A 160 8.75 -10.30 7.99
CA VAL A 160 7.40 -9.82 8.30
C VAL A 160 7.03 -10.17 9.73
N ASN A 161 7.42 -11.36 10.19
CA ASN A 161 7.15 -11.73 11.58
C ASN A 161 7.81 -10.76 12.54
N TYR A 162 9.07 -10.40 12.27
CA TYR A 162 9.77 -9.45 13.15
C TYR A 162 9.06 -8.11 13.17
N ALA A 163 8.58 -7.66 12.01
CA ALA A 163 7.85 -6.38 11.96
C ALA A 163 6.57 -6.45 12.77
N LEU A 164 5.79 -7.53 12.58
CA LEU A 164 4.52 -7.63 13.29
C LEU A 164 4.75 -7.71 14.79
N THR A 165 5.72 -8.53 15.20
CA THR A 165 5.93 -8.79 16.62
C THR A 165 6.39 -7.54 17.35
N ASN A 166 7.27 -6.76 16.71
CA ASN A 166 7.86 -5.64 17.42
C ASN A 166 7.07 -4.36 17.26
N LEU A 167 6.41 -4.15 16.10
CA LEU A 167 5.53 -2.98 16.01
C LEU A 167 4.32 -3.14 16.94
N ALA A 168 3.93 -4.39 17.23
CA ALA A 168 2.83 -4.60 18.18
C ALA A 168 3.21 -4.10 19.57
N LYS A 169 4.50 -4.18 19.92
CA LYS A 169 4.96 -3.75 21.23
C LYS A 169 4.78 -2.26 21.45
N VAL A 170 4.73 -1.47 20.39
CA VAL A 170 4.43 -0.04 20.53
C VAL A 170 3.05 0.30 19.99
N GLY A 171 2.18 -0.70 19.87
CA GLY A 171 0.76 -0.43 19.68
C GLY A 171 0.34 0.01 18.30
N VAL A 172 1.12 -0.33 17.28
CA VAL A 172 0.81 0.05 15.91
C VAL A 172 -0.32 -0.84 15.39
N TYR A 173 -1.34 -0.22 14.79
CA TYR A 173 -2.39 -0.97 14.12
C TYR A 173 -1.92 -1.37 12.73
N MET A 174 -2.02 -2.66 12.40
CA MET A 174 -1.27 -3.24 11.29
C MET A 174 -2.23 -3.95 10.35
N TYR A 175 -2.04 -3.72 9.04
CA TYR A 175 -2.76 -4.43 7.99
C TYR A 175 -1.71 -5.00 7.05
N MET A 176 -1.66 -6.33 6.96
N MET A 176 -1.63 -6.33 6.98
CA MET A 176 -0.73 -6.97 6.06
CA MET A 176 -0.66 -6.96 6.08
C MET A 176 -1.16 -6.81 4.61
C MET A 176 -1.15 -6.85 4.64
N ASP A 177 -0.23 -6.51 3.74
CA ASP A 177 -0.61 -6.42 2.33
C ASP A 177 -1.12 -7.78 1.84
N ALA A 178 -2.20 -7.76 1.07
CA ALA A 178 -2.76 -9.01 0.56
C ALA A 178 -3.13 -8.88 -0.90
N GLY A 179 -2.30 -8.19 -1.68
CA GLY A 179 -2.56 -8.10 -3.11
C GLY A 179 -3.91 -7.48 -3.39
N HIS A 180 -4.61 -8.03 -4.39
CA HIS A 180 -5.88 -7.50 -4.86
C HIS A 180 -6.68 -8.63 -5.49
N ALA A 181 -7.88 -8.29 -5.97
CA ALA A 181 -8.81 -9.32 -6.43
C ALA A 181 -8.24 -10.14 -7.57
N GLY A 182 -7.44 -9.53 -8.44
CA GLY A 182 -6.83 -10.22 -9.56
C GLY A 182 -5.56 -10.97 -9.24
N TRP A 183 -5.11 -10.89 -7.99
CA TRP A 183 -3.95 -11.64 -7.51
C TRP A 183 -4.40 -12.77 -6.60
N LEU A 184 -4.83 -12.46 -5.37
CA LEU A 184 -5.25 -13.49 -4.45
C LEU A 184 -6.75 -13.72 -4.44
N GLY A 185 -7.52 -12.92 -5.17
CA GLY A 185 -8.97 -13.06 -5.14
C GLY A 185 -9.54 -14.14 -6.05
N TRP A 186 -8.74 -14.65 -6.98
CA TRP A 186 -9.13 -15.85 -7.71
C TRP A 186 -9.61 -16.89 -6.71
N PRO A 187 -10.81 -17.46 -6.89
CA PRO A 187 -11.31 -18.42 -5.91
C PRO A 187 -10.31 -19.47 -5.49
N ALA A 188 -9.50 -19.97 -6.43
CA ALA A 188 -8.53 -21.01 -6.12
C ALA A 188 -7.39 -20.51 -5.23
N ASN A 189 -7.14 -19.20 -5.18
CA ASN A 189 -6.06 -18.67 -4.37
C ASN A 189 -6.53 -18.31 -2.97
N LEU A 190 -7.84 -18.29 -2.73
CA LEU A 190 -8.36 -17.79 -1.45
C LEU A 190 -7.90 -18.64 -0.28
N SER A 191 -8.07 -19.97 -0.38
CA SER A 191 -7.68 -20.81 0.75
C SER A 191 -6.17 -20.80 0.98
N PRO A 192 -5.31 -20.98 -0.03
CA PRO A 192 -3.86 -20.82 0.20
C PRO A 192 -3.50 -19.48 0.83
N ALA A 193 -4.12 -18.40 0.37
CA ALA A 193 -3.88 -17.09 0.97
C ALA A 193 -4.30 -17.07 2.43
N ALA A 194 -5.51 -17.54 2.72
CA ALA A 194 -5.99 -17.58 4.09
C ALA A 194 -5.07 -18.42 4.97
N GLN A 195 -4.58 -19.55 4.44
CA GLN A 195 -3.70 -20.40 5.26
C GLN A 195 -2.39 -19.68 5.58
N LEU A 196 -1.84 -18.96 4.60
CA LEU A 196 -0.58 -18.25 4.81
C LEU A 196 -0.75 -17.11 5.79
N PHE A 197 -1.76 -16.26 5.58
CA PHE A 197 -1.92 -15.10 6.45
C PHE A 197 -2.23 -15.51 7.88
N THR A 198 -3.00 -16.60 8.05
N THR A 198 -3.06 -16.55 8.07
CA THR A 198 -3.28 -17.10 9.39
CA THR A 198 -3.36 -16.94 9.45
C THR A 198 -2.02 -17.61 10.07
C THR A 198 -2.16 -17.59 10.12
N GLN A 199 -1.19 -18.37 9.35
N GLN A 199 -1.31 -18.29 9.36
CA GLN A 199 0.06 -18.84 9.92
CA GLN A 199 -0.05 -18.79 9.91
C GLN A 199 0.96 -17.68 10.33
C GLN A 199 0.82 -17.63 10.38
N VAL A 200 0.99 -16.61 9.53
CA VAL A 200 1.78 -15.44 9.90
C VAL A 200 1.21 -14.77 11.15
N TRP A 201 -0.12 -14.63 11.21
CA TRP A 201 -0.77 -14.04 12.38
C TRP A 201 -0.47 -14.87 13.63
N GLN A 202 -0.52 -16.20 13.50
N GLN A 202 -0.53 -16.19 13.50
CA GLN A 202 -0.22 -17.07 14.63
CA GLN A 202 -0.22 -17.08 14.62
C GLN A 202 1.23 -16.95 15.09
C GLN A 202 1.22 -16.92 15.09
N ASN A 203 2.17 -16.87 14.15
CA ASN A 203 3.57 -16.78 14.52
C ASN A 203 3.88 -15.49 15.28
N ALA A 204 3.14 -14.43 14.99
CA ALA A 204 3.30 -13.14 15.65
C ALA A 204 2.46 -13.02 16.92
N GLY A 205 1.91 -14.14 17.40
CA GLY A 205 1.20 -14.15 18.67
C GLY A 205 -0.25 -13.74 18.63
N LYS A 206 -0.86 -13.62 17.45
CA LYS A 206 -2.27 -13.22 17.31
C LYS A 206 -2.56 -11.90 18.01
N SER A 207 -1.60 -10.98 17.94
CA SER A 207 -1.77 -9.69 18.59
C SER A 207 -3.03 -9.00 18.09
N PRO A 208 -3.87 -8.46 18.97
CA PRO A 208 -5.03 -7.68 18.52
C PRO A 208 -4.66 -6.49 17.64
N PHE A 209 -3.41 -6.02 17.69
CA PHE A 209 -2.99 -4.94 16.81
C PHE A 209 -2.83 -5.39 15.37
N ILE A 210 -2.76 -6.70 15.12
CA ILE A 210 -2.74 -7.18 13.74
C ILE A 210 -4.20 -7.22 13.30
N LYS A 211 -4.68 -6.10 12.74
CA LYS A 211 -6.12 -5.94 12.51
C LYS A 211 -6.61 -6.77 11.34
N GLY A 212 -5.76 -6.93 10.31
CA GLY A 212 -6.19 -7.63 9.12
C GLY A 212 -5.29 -7.35 7.93
N LEU A 213 -5.90 -6.99 6.80
CA LEU A 213 -5.23 -7.00 5.52
C LEU A 213 -5.53 -5.72 4.75
N ALA A 214 -4.59 -5.33 3.90
CA ALA A 214 -4.74 -4.20 3.00
C ALA A 214 -4.77 -4.74 1.57
N THR A 215 -5.71 -4.24 0.77
CA THR A 215 -5.83 -4.72 -0.61
C THR A 215 -5.75 -3.55 -1.59
N ASN A 216 -5.41 -3.89 -2.83
CA ASN A 216 -5.34 -2.97 -3.96
C ASN A 216 -4.25 -1.91 -3.79
N VAL A 217 -3.28 -2.15 -2.90
CA VAL A 217 -2.23 -1.17 -2.65
C VAL A 217 -1.47 -0.90 -3.94
N ALA A 218 -1.42 0.37 -4.33
CA ALA A 218 -0.74 0.83 -5.55
C ALA A 218 -1.37 0.25 -6.81
N ASN A 219 -2.59 -0.29 -6.71
CA ASN A 219 -3.22 -0.84 -7.89
C ASN A 219 -4.43 0.02 -8.27
N TYR A 220 -5.32 -0.53 -9.09
CA TYR A 220 -6.31 0.27 -9.80
C TYR A 220 -7.69 -0.35 -9.81
N ASN A 221 -7.92 -1.44 -9.08
CA ASN A 221 -9.20 -2.13 -9.10
C ASN A 221 -10.30 -1.27 -8.51
N ALA A 222 -11.52 -1.51 -8.97
CA ALA A 222 -12.68 -0.93 -8.30
C ALA A 222 -12.88 -1.60 -6.96
N LEU A 223 -13.35 -0.82 -5.98
CA LEU A 223 -13.91 -1.45 -4.79
C LEU A 223 -15.21 -2.17 -5.15
N GLN A 224 -16.14 -1.44 -5.76
CA GLN A 224 -17.41 -2.01 -6.21
C GLN A 224 -17.65 -1.54 -7.64
N ALA A 225 -17.55 -2.46 -8.60
CA ALA A 225 -17.59 -2.12 -10.01
C ALA A 225 -19.00 -2.11 -10.55
N ALA A 226 -19.29 -1.14 -11.42
CA ALA A 226 -20.56 -1.10 -12.13
C ALA A 226 -20.78 -2.35 -12.96
N SER A 227 -19.74 -2.77 -13.67
CA SER A 227 -19.73 -4.01 -14.42
C SER A 227 -18.31 -4.51 -14.44
N PRO A 228 -18.09 -5.81 -14.62
CA PRO A 228 -16.73 -6.36 -14.53
C PRO A 228 -15.82 -5.79 -15.61
N ASP A 229 -14.64 -5.35 -15.19
CA ASP A 229 -13.60 -4.95 -16.12
C ASP A 229 -13.26 -6.14 -17.02
N PRO A 230 -13.17 -5.96 -18.33
CA PRO A 230 -12.86 -7.10 -19.21
C PRO A 230 -11.59 -7.85 -18.83
N ILE A 231 -10.63 -7.20 -18.15
CA ILE A 231 -9.40 -7.89 -17.74
C ILE A 231 -9.67 -9.01 -16.74
N THR A 232 -10.86 -9.04 -16.13
CA THR A 232 -11.17 -9.96 -15.04
C THR A 232 -11.79 -11.27 -15.50
N GLN A 233 -11.88 -11.51 -16.81
CA GLN A 233 -12.58 -12.69 -17.28
C GLN A 233 -12.01 -13.95 -16.66
N GLY A 234 -12.92 -14.83 -16.18
CA GLY A 234 -12.55 -16.07 -15.52
C GLY A 234 -12.59 -15.98 -14.00
N ASN A 235 -12.57 -14.77 -13.45
CA ASN A 235 -12.54 -14.54 -12.01
C ASN A 235 -13.87 -13.94 -11.57
N PRO A 236 -14.70 -14.67 -10.83
CA PRO A 236 -15.95 -14.07 -10.36
C PRO A 236 -15.74 -12.96 -9.36
N ASN A 237 -14.54 -12.85 -8.78
CA ASN A 237 -14.24 -11.79 -7.84
C ASN A 237 -13.54 -10.67 -8.63
N TYR A 238 -14.33 -9.84 -9.29
CA TYR A 238 -13.80 -8.89 -10.25
C TYR A 238 -13.53 -7.52 -9.65
N ASP A 239 -13.83 -7.33 -8.37
CA ASP A 239 -13.53 -6.08 -7.68
C ASP A 239 -13.13 -6.42 -6.25
N GLU A 240 -12.70 -5.40 -5.51
CA GLU A 240 -12.18 -5.68 -4.17
C GLU A 240 -13.27 -6.14 -3.21
N ILE A 241 -14.51 -5.65 -3.34
CA ILE A 241 -15.54 -6.10 -2.40
C ILE A 241 -15.84 -7.59 -2.58
N HIS A 242 -15.81 -8.09 -3.82
CA HIS A 242 -16.01 -9.53 -3.99
C HIS A 242 -14.86 -10.31 -3.38
N TYR A 243 -13.63 -9.82 -3.57
CA TYR A 243 -12.46 -10.50 -3.01
C TYR A 243 -12.58 -10.56 -1.48
N ILE A 244 -12.82 -9.42 -0.86
CA ILE A 244 -12.86 -9.36 0.60
C ILE A 244 -14.04 -10.16 1.14
N ASN A 245 -15.19 -10.11 0.47
CA ASN A 245 -16.33 -10.90 0.92
C ASN A 245 -16.02 -12.38 0.92
N ALA A 246 -15.17 -12.82 -0.01
CA ALA A 246 -14.82 -14.23 -0.13
C ALA A 246 -13.70 -14.63 0.83
N LEU A 247 -12.74 -13.73 1.07
CA LEU A 247 -11.59 -14.11 1.90
C LEU A 247 -11.90 -13.96 3.39
N ALA A 248 -12.60 -12.90 3.78
CA ALA A 248 -12.81 -12.62 5.20
C ALA A 248 -13.39 -13.80 5.99
N PRO A 249 -14.42 -14.52 5.51
CA PRO A 249 -14.93 -15.65 6.29
C PRO A 249 -13.90 -16.75 6.50
N LEU A 250 -12.98 -16.95 5.56
CA LEU A 250 -11.92 -17.94 5.75
C LEU A 250 -11.02 -17.57 6.92
N LEU A 251 -10.70 -16.28 7.04
CA LEU A 251 -9.88 -15.85 8.16
C LEU A 251 -10.65 -16.00 9.47
N GLN A 252 -11.93 -15.61 9.47
CA GLN A 252 -12.76 -15.73 10.67
C GLN A 252 -12.83 -17.17 11.17
N GLN A 253 -12.92 -18.13 10.24
CA GLN A 253 -13.00 -19.53 10.66
C GLN A 253 -11.70 -19.98 11.32
N ALA A 254 -10.57 -19.39 10.95
CA ALA A 254 -9.31 -19.69 11.61
C ALA A 254 -9.18 -19.01 12.97
N GLY A 255 -10.20 -18.28 13.40
CA GLY A 255 -10.14 -17.58 14.66
C GLY A 255 -9.65 -16.16 14.58
N TRP A 256 -9.51 -15.60 13.38
CA TRP A 256 -9.00 -14.24 13.19
C TRP A 256 -10.11 -13.40 12.58
N ASP A 257 -10.70 -12.52 13.38
CA ASP A 257 -11.81 -11.69 12.91
C ASP A 257 -11.19 -10.48 12.24
N ALA A 258 -10.68 -10.71 11.03
CA ALA A 258 -9.85 -9.73 10.35
C ALA A 258 -10.69 -8.69 9.65
N THR A 259 -10.22 -7.45 9.67
CA THR A 259 -10.81 -6.37 8.90
C THR A 259 -9.80 -5.86 7.88
N PHE A 260 -10.28 -4.98 7.00
CA PHE A 260 -9.58 -4.67 5.77
C PHE A 260 -9.52 -3.17 5.52
N ILE A 261 -8.48 -2.75 4.80
CA ILE A 261 -8.46 -1.42 4.21
C ILE A 261 -8.15 -1.60 2.73
N VAL A 262 -8.68 -0.69 1.90
CA VAL A 262 -8.61 -0.82 0.45
C VAL A 262 -8.09 0.47 -0.14
N ASP A 263 -6.98 0.40 -0.87
CA ASP A 263 -6.47 1.53 -1.64
C ASP A 263 -7.44 1.84 -2.79
N GLN A 264 -7.84 3.11 -2.90
CA GLN A 264 -8.62 3.60 -4.03
C GLN A 264 -8.00 4.85 -4.66
N GLY A 265 -6.75 5.17 -4.31
CA GLY A 265 -6.15 6.42 -4.78
C GLY A 265 -6.03 6.53 -6.29
N ARG A 266 -5.98 5.41 -7.00
CA ARG A 266 -5.88 5.45 -8.45
C ARG A 266 -6.96 4.57 -9.08
N SER A 267 -8.14 4.52 -8.44
CA SER A 267 -9.22 3.66 -8.89
C SER A 267 -10.38 4.42 -9.51
N GLY A 268 -10.24 5.73 -9.71
CA GLY A 268 -11.36 6.50 -10.24
C GLY A 268 -11.78 6.10 -11.66
N VAL A 269 -10.85 5.57 -12.44
CA VAL A 269 -11.14 5.20 -13.83
C VAL A 269 -10.93 3.70 -14.00
N GLN A 270 -11.99 3.00 -14.39
CA GLN A 270 -11.93 1.57 -14.62
C GLN A 270 -11.74 1.29 -16.11
N ASN A 271 -11.46 0.03 -16.43
CA ASN A 271 -11.33 -0.42 -17.82
C ASN A 271 -10.24 0.34 -18.57
N ILE A 272 -9.07 0.48 -17.95
CA ILE A 272 -7.92 1.14 -18.59
C ILE A 272 -6.74 0.21 -18.79
N ARG A 273 -6.85 -1.06 -18.41
CA ARG A 273 -5.74 -1.97 -18.55
C ARG A 273 -5.99 -2.98 -19.66
N GLN A 274 -4.90 -3.39 -20.32
N GLN A 274 -4.91 -3.37 -20.34
CA GLN A 274 -5.02 -4.44 -21.32
CA GLN A 274 -5.02 -4.45 -21.32
C GLN A 274 -5.03 -5.83 -20.67
C GLN A 274 -5.07 -5.80 -20.62
N GLN A 275 -4.13 -6.06 -19.70
CA GLN A 275 -4.12 -7.25 -18.89
C GLN A 275 -4.16 -6.86 -17.41
N TRP A 276 -4.80 -7.69 -16.60
CA TRP A 276 -4.95 -7.38 -15.18
C TRP A 276 -3.61 -7.19 -14.46
N GLY A 277 -2.58 -7.94 -14.88
CA GLY A 277 -1.26 -7.88 -14.26
C GLY A 277 -0.48 -6.61 -14.55
N ASP A 278 -0.91 -5.79 -15.52
CA ASP A 278 -0.21 -4.56 -15.85
C ASP A 278 -0.40 -3.57 -14.70
N TRP A 279 0.71 -3.16 -14.05
CA TRP A 279 0.62 -2.34 -12.85
C TRP A 279 1.36 -1.01 -12.91
N CYS A 280 2.16 -0.75 -13.93
N CYS A 280 2.20 -0.77 -13.91
CA CYS A 280 3.09 0.38 -13.89
CA CYS A 280 3.08 0.38 -13.90
C CYS A 280 2.52 1.58 -14.63
C CYS A 280 2.45 1.57 -14.61
N ASN A 281 2.27 2.66 -13.88
CA ASN A 281 1.87 3.95 -14.43
C ASN A 281 0.73 3.82 -15.44
N ILE A 282 -0.33 3.11 -15.06
CA ILE A 282 -1.36 2.81 -16.05
C ILE A 282 -1.98 4.10 -16.56
N LYS A 283 -1.98 4.26 -17.87
CA LYS A 283 -2.40 5.50 -18.52
C LYS A 283 -3.89 5.74 -18.36
N GLY A 284 -4.25 6.98 -18.03
CA GLY A 284 -5.63 7.36 -17.87
C GLY A 284 -6.21 7.15 -16.50
N ALA A 285 -5.40 6.72 -15.53
CA ALA A 285 -5.91 6.55 -14.17
C ALA A 285 -6.39 7.89 -13.62
N GLY A 286 -7.44 7.83 -12.81
CA GLY A 286 -7.93 8.99 -12.10
C GLY A 286 -7.96 8.73 -10.60
N PHE A 287 -7.84 9.81 -9.82
CA PHE A 287 -8.06 9.67 -8.38
C PHE A 287 -9.43 9.08 -8.11
N GLY A 288 -9.50 8.16 -7.15
CA GLY A 288 -10.73 7.48 -6.82
C GLY A 288 -11.38 8.01 -5.55
N THR A 289 -12.26 7.19 -4.98
CA THR A 289 -12.95 7.53 -3.74
C THR A 289 -11.97 8.03 -2.68
N ARG A 290 -12.28 9.18 -2.10
CA ARG A 290 -11.40 9.74 -1.08
C ARG A 290 -11.45 8.86 0.17
N PRO A 291 -10.38 8.85 0.96
CA PRO A 291 -10.35 8.01 2.17
C PRO A 291 -11.54 8.29 3.07
N THR A 292 -12.13 7.22 3.58
CA THR A 292 -13.31 7.34 4.45
C THR A 292 -13.56 6.00 5.13
N THR A 293 -14.11 6.06 6.35
CA THR A 293 -14.61 4.86 7.02
C THR A 293 -16.02 4.51 6.58
N ASN A 294 -16.61 5.28 5.68
CA ASN A 294 -17.94 4.97 5.09
C ASN A 294 -17.69 4.05 3.91
N THR A 295 -17.49 2.76 4.22
CA THR A 295 -16.95 1.80 3.26
C THR A 295 -18.00 0.91 2.61
N GLY A 296 -19.19 0.81 3.19
CA GLY A 296 -20.23 -0.06 2.63
C GLY A 296 -20.05 -1.53 2.90
N SER A 297 -19.09 -1.92 3.74
CA SER A 297 -18.85 -3.34 4.01
C SER A 297 -18.49 -3.55 5.48
N GLN A 298 -19.12 -4.58 6.06
CA GLN A 298 -18.81 -4.99 7.43
C GLN A 298 -17.33 -5.29 7.62
N PHE A 299 -16.64 -5.69 6.55
CA PHE A 299 -15.26 -6.13 6.68
C PHE A 299 -14.24 -5.01 6.50
N ILE A 300 -14.66 -3.83 6.05
CA ILE A 300 -13.71 -2.81 5.59
C ILE A 300 -13.74 -1.63 6.56
N ASP A 301 -12.61 -1.45 7.26
CA ASP A 301 -12.44 -0.34 8.20
C ASP A 301 -12.34 1.00 7.49
N SER A 302 -11.63 1.05 6.35
CA SER A 302 -11.45 2.32 5.67
C SER A 302 -11.10 2.11 4.20
N ILE A 303 -11.67 2.95 3.34
CA ILE A 303 -11.04 3.26 2.07
C ILE A 303 -9.85 4.18 2.35
N VAL A 304 -8.71 3.93 1.69
CA VAL A 304 -7.49 4.67 1.97
C VAL A 304 -6.84 5.03 0.65
N TRP A 305 -5.86 5.95 0.72
CA TRP A 305 -4.95 6.24 -0.39
C TRP A 305 -3.55 5.84 0.06
N VAL A 306 -3.12 4.64 -0.31
CA VAL A 306 -1.81 4.16 0.16
C VAL A 306 -0.72 4.63 -0.79
N LYS A 307 -0.81 4.24 -2.05
CA LYS A 307 0.09 4.77 -3.07
C LYS A 307 -0.23 6.25 -3.33
N PRO A 308 0.75 7.15 -3.23
CA PRO A 308 0.49 8.58 -3.48
C PRO A 308 0.46 8.84 -4.98
N GLY A 309 -0.74 9.06 -5.51
CA GLY A 309 -0.89 9.26 -6.94
C GLY A 309 -0.09 10.44 -7.42
N GLY A 310 0.66 10.26 -8.51
CA GLY A 310 1.57 11.26 -9.03
C GLY A 310 3.02 10.89 -8.87
N GLU A 311 3.34 10.06 -7.89
CA GLU A 311 4.70 9.51 -7.78
C GLU A 311 4.82 8.28 -8.67
N SER A 312 5.83 8.28 -9.55
CA SER A 312 5.95 7.21 -10.55
C SER A 312 6.09 5.84 -9.89
N ASP A 313 5.58 4.83 -10.57
CA ASP A 313 5.80 3.43 -10.23
C ASP A 313 7.12 2.90 -10.77
N GLY A 314 7.78 3.61 -11.67
CA GLY A 314 8.98 3.11 -12.29
C GLY A 314 9.30 3.83 -13.59
N THR A 315 10.58 3.87 -13.95
CA THR A 315 10.99 4.52 -15.18
C THR A 315 10.64 3.68 -16.39
N SER A 316 10.41 4.34 -17.52
CA SER A 316 10.29 3.66 -18.79
C SER A 316 11.60 3.68 -19.58
N ASN A 317 12.67 4.17 -18.98
CA ASN A 317 13.99 4.25 -19.62
C ASN A 317 14.68 2.90 -19.51
N SER A 318 14.80 2.19 -20.64
CA SER A 318 15.32 0.83 -20.63
C SER A 318 16.81 0.77 -20.32
N SER A 319 17.50 1.90 -20.31
CA SER A 319 18.90 1.93 -19.89
C SER A 319 19.05 2.13 -18.40
N SER A 320 17.97 2.30 -17.66
CA SER A 320 18.10 2.47 -16.22
C SER A 320 18.41 1.12 -15.57
N PRO A 321 19.32 1.10 -14.58
CA PRO A 321 19.57 -0.14 -13.85
C PRO A 321 18.36 -0.62 -13.08
N ARG A 322 17.36 0.24 -12.90
CA ARG A 322 16.13 -0.09 -12.18
C ARG A 322 14.94 -0.24 -13.11
N TYR A 323 15.19 -0.39 -14.40
CA TYR A 323 14.13 -0.50 -15.39
C TYR A 323 13.38 -1.81 -15.28
N ASP A 324 12.07 -1.71 -15.08
CA ASP A 324 11.15 -2.84 -15.14
C ASP A 324 10.35 -2.66 -16.42
N SER A 325 10.43 -3.64 -17.33
CA SER A 325 9.82 -3.42 -18.64
C SER A 325 8.30 -3.37 -18.60
N THR A 326 7.68 -3.70 -17.46
CA THR A 326 6.25 -3.49 -17.32
C THR A 326 5.90 -2.03 -17.58
N CYS A 327 6.84 -1.15 -17.29
N CYS A 327 6.83 -1.12 -17.26
CA CYS A 327 6.67 0.30 -17.40
CA CYS A 327 6.61 0.31 -17.41
C CYS A 327 6.85 0.80 -18.83
C CYS A 327 6.71 0.79 -18.85
N SER A 328 7.05 -0.08 -19.80
CA SER A 328 7.06 0.25 -21.21
C SER A 328 5.87 -0.33 -21.98
N LEU A 329 4.94 -0.98 -21.29
CA LEU A 329 3.82 -1.61 -21.97
C LEU A 329 2.92 -0.57 -22.62
N PRO A 330 2.12 -0.98 -23.60
CA PRO A 330 1.25 0.00 -24.28
C PRO A 330 0.31 0.75 -23.34
N ASP A 331 -0.12 0.14 -22.24
CA ASP A 331 -1.01 0.84 -21.32
C ASP A 331 -0.27 1.56 -20.20
N ALA A 332 1.06 1.64 -20.28
CA ALA A 332 1.86 2.40 -19.30
C ALA A 332 2.15 3.79 -19.84
N ALA A 333 1.87 4.82 -19.04
CA ALA A 333 2.15 6.18 -19.46
C ALA A 333 3.65 6.39 -19.64
N GLN A 334 4.04 6.97 -20.78
CA GLN A 334 5.42 7.09 -21.17
C GLN A 334 5.66 8.45 -21.81
N PRO A 335 6.87 9.04 -21.64
CA PRO A 335 7.99 8.53 -20.84
C PRO A 335 7.73 8.76 -19.36
N ALA A 336 8.24 7.84 -18.53
CA ALA A 336 8.00 7.91 -17.10
C ALA A 336 9.32 8.00 -16.36
N PRO A 337 9.36 8.77 -15.28
CA PRO A 337 10.60 8.95 -14.51
C PRO A 337 10.78 7.81 -13.50
N GLU A 338 11.90 7.88 -12.77
CA GLU A 338 12.24 6.82 -11.84
C GLU A 338 11.20 6.69 -10.74
N ALA A 339 11.07 5.48 -10.21
CA ALA A 339 10.08 5.18 -9.17
C ALA A 339 10.20 6.18 -8.03
N GLY A 340 9.05 6.66 -7.57
CA GLY A 340 8.98 7.61 -6.48
C GLY A 340 9.18 9.06 -6.87
N THR A 341 9.79 9.34 -8.01
CA THR A 341 9.91 10.73 -8.43
C THR A 341 8.59 11.21 -9.02
N TRP A 342 8.41 12.53 -8.97
CA TRP A 342 7.15 13.11 -9.41
C TRP A 342 6.98 12.96 -10.91
N PHE A 343 5.75 12.64 -11.31
CA PHE A 343 5.34 12.39 -12.68
C PHE A 343 4.21 13.37 -12.99
N GLN A 344 4.58 14.58 -13.42
CA GLN A 344 3.62 15.68 -13.47
C GLN A 344 2.48 15.42 -14.45
N ALA A 345 2.79 14.90 -15.63
CA ALA A 345 1.73 14.62 -16.60
C ALA A 345 0.74 13.63 -16.04
N TYR A 346 1.25 12.62 -15.33
CA TYR A 346 0.40 11.60 -14.73
C TYR A 346 -0.48 12.18 -13.64
N PHE A 347 0.07 13.08 -12.82
CA PHE A 347 -0.72 13.73 -11.78
C PHE A 347 -1.83 14.58 -12.39
N GLN A 348 -1.52 15.32 -13.46
N GLN A 348 -1.51 15.32 -13.45
CA GLN A 348 -2.55 16.16 -14.05
CA GLN A 348 -2.51 16.17 -14.09
C GLN A 348 -3.72 15.33 -14.55
C GLN A 348 -3.70 15.36 -14.60
N THR A 349 -3.44 14.17 -15.15
CA THR A 349 -4.53 13.32 -15.58
C THR A 349 -5.29 12.72 -14.40
N LEU A 350 -4.57 12.37 -13.32
CA LEU A 350 -5.26 11.87 -12.12
C LEU A 350 -6.26 12.89 -11.59
N VAL A 351 -5.89 14.18 -11.64
CA VAL A 351 -6.79 15.24 -11.21
C VAL A 351 -7.94 15.41 -12.21
N SER A 352 -7.61 15.49 -13.50
N SER A 352 -7.61 15.49 -13.50
CA SER A 352 -8.65 15.70 -14.51
CA SER A 352 -8.65 15.69 -14.52
C SER A 352 -9.65 14.55 -14.54
C SER A 352 -9.65 14.55 -14.54
N ALA A 353 -9.17 13.32 -14.36
CA ALA A 353 -10.02 12.14 -14.45
C ALA A 353 -10.56 11.66 -13.11
N ALA A 354 -10.37 12.44 -12.03
CA ALA A 354 -10.84 12.03 -10.72
C ALA A 354 -12.32 11.66 -10.76
N ASN A 355 -12.65 10.55 -10.09
CA ASN A 355 -14.04 10.13 -9.99
C ASN A 355 -14.24 9.52 -8.61
N PRO A 356 -15.00 10.16 -7.73
CA PRO A 356 -15.78 11.39 -7.94
C PRO A 356 -14.90 12.60 -8.25
N PRO A 357 -15.46 13.58 -8.95
CA PRO A 357 -14.72 14.82 -9.24
C PRO A 357 -14.23 15.48 -7.96
N LEU A 358 -13.09 16.18 -8.09
CA LEU A 358 -12.50 16.91 -6.97
C LEU A 358 -13.19 18.24 -6.78
C1 MGL B . 2.70 -9.35 -9.15
C2 MGL B . 4.05 -8.75 -9.47
C3 MGL B . 4.30 -7.51 -8.69
C4 MGL B . 3.21 -6.49 -8.88
C5 MGL B . 1.84 -7.14 -8.62
C6 MGL B . 0.74 -6.19 -8.94
C7 MGL B . 1.26 -11.11 -9.66
O1 MGL B . 2.50 -10.48 -9.88
O2 MGL B . 5.09 -9.69 -9.18
O3 MGL B . 5.58 -6.99 -9.15
O4 MGL B . 3.32 -5.44 -7.92
O5 MGL B . 1.67 -8.33 -9.48
O6 MGL B . -0.44 -6.77 -8.44
C1 SGC B . 3.85 -4.21 -8.21
C2 SGC B . 3.32 -3.08 -7.42
O2 SGC B . 1.96 -2.83 -7.95
C3 SGC B . 4.11 -1.87 -7.57
O3 SGC B . 3.59 -0.87 -6.61
C4 SGC B . 5.58 -2.09 -7.38
C5 SGC B . 6.13 -3.28 -8.17
O5 SGC B . 5.25 -4.48 -7.87
C6 SGC B . 7.46 -3.62 -7.70
O6 SGC B . 7.92 -4.72 -8.43
S4 SGC B . 6.54 -0.63 -8.02
C2 BGC B . 8.58 0.69 -6.80
C3 BGC B . 9.07 1.30 -5.54
C4 BGC B . 8.06 2.28 -4.98
C5 BGC B . 6.73 1.57 -4.74
C6 BGC B . 5.60 2.47 -4.31
C1 BGC B . 7.26 0.04 -6.53
O2 BGC B . 9.49 -0.32 -7.24
O3 BGC B . 10.32 1.99 -5.82
O4 BGC B . 8.61 2.84 -3.79
O5 BGC B . 6.28 1.05 -6.03
O6 BGC B . 5.76 3.70 -4.98
C2 BGC B . 9.40 4.83 -3.63
C2 BGC B . 10.40 4.56 -4.19
C3 BGC B . 9.67 6.03 -2.82
C3 BGC B . 10.68 5.85 -3.49
C4 BGC B . 8.39 6.76 -2.62
C4 BGC B . 9.45 6.58 -3.08
C5 BGC B . 7.20 5.84 -2.24
C5 BGC B . 8.58 5.74 -2.16
C6 BGC B . 5.90 6.52 -2.43
C6 BGC B . 7.13 6.17 -2.36
C1 BGC B . 8.31 3.97 -3.00
C1 BGC B . 9.68 3.60 -3.28
O2 BGC B . 10.59 4.03 -3.79
O2 BGC B . 11.67 3.98 -4.57
O3 BGC B . 10.64 6.86 -3.53
O3 BGC B . 11.47 6.72 -4.36
O4 BGC B . 8.60 7.70 -1.57
O4 BGC B . 9.79 7.74 -2.31
O5 BGC B . 7.04 4.70 -3.14
O5 BGC B . 8.83 4.26 -2.21
O6 BGC B . 5.73 6.62 -3.83
O6 BGC B . 6.89 7.36 -1.64
C1 PEG C . 19.32 -8.05 -4.69
O1 PEG C . 18.43 -9.02 -5.16
C2 PEG C . 18.64 -7.11 -3.72
O2 PEG C . 19.26 -5.86 -3.76
C3 PEG C . 20.58 -5.84 -3.30
C4 PEG C . 21.22 -4.47 -3.41
O4 PEG C . 22.58 -4.64 -3.71
C1 PEG D . 15.25 -10.59 -11.05
C1 PEG D . 15.25 -9.09 -10.32
O1 PEG D . 16.18 -11.55 -11.47
O1 PEG D . 16.00 -9.95 -11.12
C2 PEG D . 15.95 -9.27 -10.74
C2 PEG D . 16.13 -7.97 -9.75
O2 PEG D . 16.65 -9.38 -9.53
O2 PEG D . 17.08 -8.53 -8.89
C3 PEG D . 18.04 -9.20 -9.66
C3 PEG D . 18.00 -7.62 -8.36
C4 PEG D . 18.62 -8.68 -8.35
C4 PEG D . 17.33 -6.78 -7.27
O4 PEG D . 18.45 -9.61 -7.32
O4 PEG D . 18.20 -5.76 -6.85
C1 PGE E . 23.94 7.41 7.18
O1 PGE E . 22.65 7.87 6.86
C2 PGE E . 23.85 6.11 7.99
O2 PGE E . 25.00 5.34 7.72
C3 PGE E . 24.75 3.97 7.53
C4 PGE E . 24.51 3.28 8.88
O4 PGE E . 25.62 -1.00 9.78
C6 PGE E . 24.85 -0.21 8.89
C5 PGE E . 24.41 1.06 9.60
O3 PGE E . 23.97 2.01 8.66
C1 PEG F . 12.59 19.88 0.45
O1 PEG F . 11.47 19.16 -0.04
C2 PEG F . 13.76 18.93 0.66
O2 PEG F . 14.73 19.15 -0.32
C3 PEG F . 15.89 18.38 -0.17
C4 PEG F . 16.13 17.53 -1.42
O4 PEG F . 16.55 16.25 -1.03
C1 PEG G . -20.65 5.06 8.58
C1 PEG G . -21.26 5.80 7.91
O1 PEG G . -21.74 4.64 7.81
O1 PEG G . -20.48 6.91 7.53
C2 PEG G . -19.62 3.93 8.69
C2 PEG G . -20.37 4.57 8.08
O2 PEG G . -18.64 4.25 9.64
O2 PEG G . -19.46 4.78 9.13
C3 PEG G . -19.13 4.86 10.82
C3 PEG G . -19.14 3.64 9.88
C4 PEG G . -18.03 4.96 11.86
C4 PEG G . -17.91 3.92 10.76
O4 PEG G . -18.21 6.10 12.65
O4 PEG G . -17.75 2.90 11.72
C1 PEG H . -20.07 -12.56 3.92
C1 PEG H . -20.68 -13.35 4.39
O1 PEG H . -19.18 -12.96 2.90
O1 PEG H . -19.81 -13.76 5.42
C2 PEG H . -21.41 -12.12 3.33
C2 PEG H . -19.88 -12.92 3.16
O2 PEG H . -21.19 -11.13 2.36
O2 PEG H . -20.07 -11.58 2.86
C3 PEG H . -21.59 -9.84 2.73
C3 PEG H . -21.41 -11.16 2.85
C4 PEG H . -23.10 -9.67 2.54
C4 PEG H . -21.50 -9.64 2.66
O4 PEG H . -23.44 -8.32 2.70
O4 PEG H . -20.96 -9.00 3.79
#